data_4JPP
#
_entry.id   4JPP
#
_cell.length_a   68.699
_cell.length_b   68.699
_cell.length_c   372.596
_cell.angle_alpha   90.00
_cell.angle_beta   90.00
_cell.angle_gamma   90.00
#
_symmetry.space_group_name_H-M   'P 42 21 2'
#
loop_
_entity.id
_entity.type
_entity.pdbx_description
1 polymer 'Minor spike protein H'
2 water water
#
_entity_poly.entity_id   1
_entity_poly.type   'polypeptide(L)'
_entity_poly.pdbx_seq_one_letter_code
;MVDAGFENQKELTKMQLDNQKEIAEMQNETQKEIAGIQSATSRQNTKDQVYAQNEMLAYQQKESTARVASIMENTNLSKQ
QQVSEIMRQMLTQAQTAGQYFTNDQIKEMTRKVSAEVDLVHQQTQNQRYGSSHIGATAKD
;
_entity_poly.pdbx_strand_id   A,B,C,D,E
#
# COMPACT_ATOMS: atom_id res chain seq x y z
N VAL A 2 6.25 -71.16 -58.83
CA VAL A 2 5.46 -70.95 -57.62
C VAL A 2 6.20 -71.46 -56.40
N ASP A 3 7.28 -70.77 -56.05
CA ASP A 3 8.33 -71.30 -55.17
C ASP A 3 7.94 -71.50 -53.68
N ALA A 4 7.73 -72.75 -53.30
CA ALA A 4 7.27 -73.11 -51.95
C ALA A 4 8.18 -72.66 -50.80
N GLY A 5 9.50 -72.82 -50.98
CA GLY A 5 10.45 -72.41 -49.96
C GLY A 5 10.43 -70.91 -49.74
N PHE A 6 10.34 -70.16 -50.83
CA PHE A 6 10.27 -68.71 -50.73
C PHE A 6 8.89 -68.23 -50.23
N GLU A 7 7.82 -68.92 -50.59
CA GLU A 7 6.50 -68.64 -50.00
C GLU A 7 6.56 -68.86 -48.49
N ASN A 8 7.33 -69.87 -48.08
CA ASN A 8 7.61 -70.15 -46.68
C ASN A 8 8.35 -69.00 -46.01
N GLN A 9 9.35 -68.46 -46.71
CA GLN A 9 10.04 -67.25 -46.23
C GLN A 9 9.09 -66.05 -46.15
N LYS A 10 8.10 -66.06 -47.04
CA LYS A 10 7.10 -65.02 -47.13
C LYS A 10 5.92 -65.35 -46.21
N GLU A 11 6.08 -66.37 -45.38
CA GLU A 11 5.15 -66.55 -44.27
C GLU A 11 5.87 -66.20 -42.96
N LEU A 12 7.14 -66.64 -42.86
CA LEU A 12 8.00 -66.26 -41.74
C LEU A 12 8.06 -64.73 -41.57
N THR A 13 8.53 -64.08 -42.64
CA THR A 13 8.70 -62.63 -42.65
C THR A 13 7.41 -61.91 -42.27
N LYS A 14 6.29 -62.33 -42.85
CA LYS A 14 4.99 -61.74 -42.58
C LYS A 14 4.65 -61.85 -41.08
N MET A 15 4.96 -62.99 -40.49
CA MET A 15 4.75 -63.17 -39.05
C MET A 15 5.58 -62.17 -38.23
N GLN A 16 6.82 -61.96 -38.65
CA GLN A 16 7.70 -61.01 -37.95
C GLN A 16 7.17 -59.58 -38.04
N LEU A 17 6.80 -59.16 -39.25
CA LEU A 17 6.36 -57.78 -39.47
C LEU A 17 5.01 -57.48 -38.82
N ASP A 18 4.12 -58.47 -38.82
CA ASP A 18 2.84 -58.32 -38.11
C ASP A 18 3.04 -58.28 -36.58
N ASN A 19 4.00 -59.04 -36.07
CA ASN A 19 4.39 -58.94 -34.67
C ASN A 19 4.83 -57.52 -34.35
N GLN A 20 5.76 -57.01 -35.16
CA GLN A 20 6.27 -55.65 -35.00
C GLN A 20 5.16 -54.59 -35.00
N LYS A 21 4.26 -54.70 -35.97
CA LYS A 21 3.17 -53.74 -36.13
C LYS A 21 2.21 -53.76 -34.95
N GLU A 22 1.80 -54.97 -34.55
CA GLU A 22 0.87 -55.11 -33.42
C GLU A 22 1.51 -54.54 -32.15
N ILE A 23 2.80 -54.80 -31.97
CA ILE A 23 3.53 -54.23 -30.84
C ILE A 23 3.48 -52.69 -30.88
N ALA A 24 3.91 -52.12 -31.99
CA ALA A 24 3.87 -50.66 -32.16
C ALA A 24 2.50 -50.10 -31.82
N GLU A 25 1.43 -50.78 -32.26
CA GLU A 25 0.09 -50.30 -31.93
C GLU A 25 -0.17 -50.36 -30.43
N MET A 26 0.30 -51.42 -29.78
CA MET A 26 0.08 -51.56 -28.33
C MET A 26 0.78 -50.44 -27.56
N GLN A 27 2.00 -50.12 -27.98
CA GLN A 27 2.75 -49.06 -27.34
C GLN A 27 2.04 -47.72 -27.56
N ASN A 28 1.52 -47.50 -28.77
CA ASN A 28 0.81 -46.26 -29.05
C ASN A 28 -0.46 -46.11 -28.22
N GLU A 29 -1.20 -47.20 -28.11
CA GLU A 29 -2.41 -47.20 -27.31
C GLU A 29 -2.06 -46.87 -25.85
N THR A 30 -0.96 -47.45 -25.37
CA THR A 30 -0.52 -47.22 -24.00
C THR A 30 -0.18 -45.74 -23.77
N GLN A 31 0.54 -45.14 -24.73
CA GLN A 31 0.94 -43.74 -24.62
C GLN A 31 -0.26 -42.80 -24.64
N LYS A 32 -1.25 -43.12 -25.48
CA LYS A 32 -2.44 -42.28 -25.53
C LYS A 32 -3.20 -42.38 -24.22
N GLU A 33 -3.31 -43.60 -23.71
CA GLU A 33 -3.96 -43.83 -22.42
C GLU A 33 -3.30 -43.02 -21.30
N ILE A 34 -1.97 -43.03 -21.27
CA ILE A 34 -1.21 -42.28 -20.28
C ILE A 34 -1.47 -40.77 -20.41
N ALA A 35 -1.35 -40.22 -21.61
CA ALA A 35 -1.70 -38.81 -21.81
C ALA A 35 -3.14 -38.46 -21.38
N GLY A 36 -4.06 -39.41 -21.51
CA GLY A 36 -5.42 -39.18 -21.07
C GLY A 36 -5.48 -39.05 -19.56
N ILE A 37 -4.74 -39.93 -18.89
CA ILE A 37 -4.62 -39.89 -17.43
C ILE A 37 -3.99 -38.56 -16.96
N GLN A 38 -2.89 -38.18 -17.60
CA GLN A 38 -2.23 -36.91 -17.29
C GLN A 38 -3.15 -35.71 -17.49
N SER A 39 -3.90 -35.70 -18.59
CA SER A 39 -4.74 -34.54 -18.92
C SER A 39 -5.87 -34.40 -17.91
N ALA A 40 -6.48 -35.53 -17.56
CA ALA A 40 -7.57 -35.54 -16.58
C ALA A 40 -7.09 -35.13 -15.19
N THR A 41 -5.88 -35.56 -14.82
CA THR A 41 -5.32 -35.14 -13.54
C THR A 41 -4.98 -33.64 -13.50
N SER A 42 -4.50 -33.13 -14.62
CA SER A 42 -4.10 -31.74 -14.72
C SER A 42 -5.35 -30.85 -14.63
N ARG A 43 -6.42 -31.29 -15.29
CA ARG A 43 -7.68 -30.57 -15.27
C ARG A 43 -8.29 -30.59 -13.86
N GLN A 44 -8.30 -31.76 -13.23
CA GLN A 44 -8.86 -31.85 -11.88
C GLN A 44 -8.06 -31.02 -10.85
N ASN A 45 -6.74 -31.08 -10.93
CA ASN A 45 -5.92 -30.17 -10.13
C ASN A 45 -6.27 -28.68 -10.37
N THR A 46 -6.47 -28.30 -11.63
CA THR A 46 -6.79 -26.89 -11.89
C THR A 46 -8.13 -26.48 -11.29
N LYS A 47 -9.15 -27.28 -11.51
CA LYS A 47 -10.47 -26.99 -10.95
C LYS A 47 -10.43 -26.88 -9.43
N ASP A 48 -9.74 -27.82 -8.78
CA ASP A 48 -9.52 -27.78 -7.33
C ASP A 48 -8.83 -26.51 -6.87
N GLN A 49 -7.82 -26.08 -7.62
CA GLN A 49 -7.11 -24.85 -7.31
C GLN A 49 -7.96 -23.58 -7.43
N VAL A 50 -8.83 -23.53 -8.44
CA VAL A 50 -9.54 -22.28 -8.72
C VAL A 50 -10.89 -22.16 -8.00
N TYR A 51 -11.28 -23.25 -7.35
CA TYR A 51 -12.55 -23.24 -6.59
C TYR A 51 -12.73 -21.98 -5.70
N ALA A 52 -11.81 -21.85 -4.74
CA ALA A 52 -11.78 -20.74 -3.80
C ALA A 52 -11.97 -19.38 -4.45
N GLN A 53 -11.09 -19.03 -5.39
CA GLN A 53 -11.17 -17.73 -6.00
C GLN A 53 -12.49 -17.49 -6.75
N ASN A 54 -13.08 -18.51 -7.37
CA ASN A 54 -14.40 -18.28 -8.03
C ASN A 54 -15.60 -17.98 -7.07
N GLU A 55 -15.68 -18.78 -6.01
CA GLU A 55 -16.68 -18.51 -4.96
C GLU A 55 -16.51 -17.06 -4.36
N MET A 56 -15.27 -16.83 -3.96
CA MET A 56 -14.93 -15.51 -3.42
C MET A 56 -15.37 -14.46 -4.41
N LEU A 57 -15.33 -14.79 -5.70
CA LEU A 57 -15.54 -13.79 -6.74
C LEU A 57 -16.88 -13.11 -6.60
N ALA A 58 -17.94 -13.90 -6.51
CA ALA A 58 -19.22 -13.12 -6.32
C ALA A 58 -19.19 -12.21 -5.05
N TYR A 59 -18.59 -12.73 -3.98
CA TYR A 59 -18.56 -11.80 -2.81
C TYR A 59 -17.70 -10.49 -3.05
N GLN A 60 -16.57 -10.67 -3.69
CA GLN A 60 -15.68 -9.54 -3.95
C GLN A 60 -16.35 -8.48 -4.84
N GLN A 61 -17.22 -8.92 -5.74
CA GLN A 61 -17.87 -7.99 -6.65
C GLN A 61 -18.86 -7.17 -5.82
N LYS A 62 -19.62 -7.81 -4.94
CA LYS A 62 -20.55 -6.94 -4.21
C LYS A 62 -19.87 -5.96 -3.23
N GLU A 63 -18.77 -6.38 -2.63
CA GLU A 63 -18.03 -5.47 -1.81
C GLU A 63 -17.46 -4.29 -2.61
N SER A 64 -16.94 -4.55 -3.81
CA SER A 64 -16.43 -3.47 -4.65
C SER A 64 -17.53 -2.47 -5.03
N THR A 65 -18.72 -2.97 -5.36
CA THR A 65 -19.81 -2.07 -5.75
C THR A 65 -20.23 -1.18 -4.57
N ALA A 66 -20.29 -1.81 -3.39
CA ALA A 66 -20.59 -1.06 -2.17
C ALA A 66 -19.52 0.02 -1.92
N ARG A 67 -18.26 -0.34 -2.10
CA ARG A 67 -17.15 0.58 -1.87
C ARG A 67 -17.21 1.77 -2.82
N VAL A 68 -17.57 1.51 -4.08
CA VAL A 68 -17.75 2.60 -5.05
C VAL A 68 -18.79 3.61 -4.56
N ALA A 69 -19.93 3.11 -4.09
CA ALA A 69 -20.95 4.05 -3.58
C ALA A 69 -20.42 4.87 -2.40
N SER A 70 -19.68 4.20 -1.52
CA SER A 70 -19.13 4.91 -0.36
C SER A 70 -18.07 5.94 -0.76
N ILE A 71 -17.21 5.61 -1.72
CA ILE A 71 -16.12 6.49 -2.16
C ILE A 71 -16.72 7.74 -2.81
N MET A 72 -17.79 7.54 -3.56
CA MET A 72 -18.44 8.65 -4.21
C MET A 72 -19.07 9.56 -3.16
N GLU A 73 -19.63 8.96 -2.11
CA GLU A 73 -20.13 9.81 -1.05
C GLU A 73 -18.97 10.54 -0.31
N ASN A 74 -17.78 9.93 -0.19
CA ASN A 74 -16.65 10.65 0.42
C ASN A 74 -16.26 11.85 -0.43
N THR A 75 -16.38 11.69 -1.75
CA THR A 75 -16.05 12.77 -2.65
C THR A 75 -17.03 13.90 -2.41
N ASN A 76 -18.32 13.59 -2.33
CA ASN A 76 -19.30 14.63 -1.96
C ASN A 76 -19.05 15.31 -0.59
N LEU A 77 -18.69 14.53 0.44
CA LEU A 77 -18.43 15.12 1.75
C LEU A 77 -17.26 16.08 1.62
N SER A 78 -16.23 15.68 0.87
CA SER A 78 -15.08 16.55 0.64
C SER A 78 -15.49 17.88 -0.02
N LYS A 79 -16.39 17.84 -0.99
CA LYS A 79 -16.84 19.09 -1.59
C LYS A 79 -17.53 20.02 -0.54
N GLN A 80 -18.38 19.41 0.30
CA GLN A 80 -19.02 20.19 1.37
C GLN A 80 -18.01 20.77 2.38
N GLN A 81 -17.01 19.97 2.74
CA GLN A 81 -15.98 20.40 3.66
C GLN A 81 -15.17 21.56 3.10
N GLN A 82 -14.94 21.58 1.79
CA GLN A 82 -14.29 22.71 1.17
C GLN A 82 -15.12 23.98 1.32
N VAL A 83 -16.44 23.87 1.06
CA VAL A 83 -17.34 25.02 1.28
C VAL A 83 -17.27 25.51 2.73
N SER A 84 -17.32 24.54 3.65
CA SER A 84 -17.17 24.85 5.07
C SER A 84 -15.85 25.55 5.41
N GLU A 85 -14.74 25.12 4.82
CA GLU A 85 -13.44 25.77 5.00
C GLU A 85 -13.49 27.22 4.56
N ILE A 86 -14.17 27.48 3.44
CA ILE A 86 -14.20 28.86 2.96
C ILE A 86 -14.98 29.75 3.94
N MET A 87 -16.13 29.24 4.40
CA MET A 87 -16.93 29.99 5.34
C MET A 87 -16.12 30.24 6.61
N ARG A 88 -15.42 29.21 7.05
CA ARG A 88 -14.68 29.36 8.29
C ARG A 88 -13.50 30.33 8.16
N GLN A 89 -12.91 30.42 6.97
CA GLN A 89 -11.87 31.40 6.70
C GLN A 89 -12.42 32.78 6.91
N MET A 90 -13.63 33.00 6.41
CA MET A 90 -14.22 34.32 6.61
C MET A 90 -14.46 34.60 8.11
N LEU A 91 -14.94 33.61 8.86
CA LEU A 91 -15.11 33.83 10.32
C LEU A 91 -13.76 34.16 11.02
N THR A 92 -12.70 33.48 10.60
CA THR A 92 -11.39 33.65 11.20
C THR A 92 -10.87 35.09 10.91
N GLN A 93 -11.09 35.58 9.70
CA GLN A 93 -10.70 36.96 9.38
C GLN A 93 -11.48 37.95 10.31
N ALA A 94 -12.79 37.74 10.50
CA ALA A 94 -13.53 38.65 11.39
C ALA A 94 -12.99 38.58 12.83
N GLN A 95 -12.67 37.37 13.28
CA GLN A 95 -12.22 37.16 14.63
C GLN A 95 -10.83 37.79 14.83
N THR A 96 -10.00 37.78 13.80
CA THR A 96 -8.69 38.39 13.88
C THR A 96 -8.81 39.92 14.06
N ALA A 97 -9.72 40.52 13.28
CA ALA A 97 -9.90 41.95 13.46
C ALA A 97 -10.38 42.25 14.90
N GLY A 98 -11.31 41.40 15.37
CA GLY A 98 -11.85 41.52 16.72
C GLY A 98 -10.80 41.40 17.81
N GLN A 99 -9.85 40.50 17.63
CA GLN A 99 -8.83 40.36 18.63
C GLN A 99 -7.97 41.63 18.68
N TYR A 100 -7.67 42.21 17.53
CA TYR A 100 -6.92 43.46 17.58
C TYR A 100 -7.66 44.61 18.32
N PHE A 101 -8.96 44.74 18.06
CA PHE A 101 -9.75 45.75 18.77
C PHE A 101 -9.79 45.43 20.28
N THR A 102 -9.87 44.15 20.59
CA THR A 102 -9.88 43.71 21.97
C THR A 102 -8.53 44.11 22.59
N ASN A 103 -7.43 44.02 21.83
CA ASN A 103 -6.11 44.45 22.30
C ASN A 103 -6.05 45.92 22.74
N ASP A 104 -6.67 46.74 21.90
CA ASP A 104 -6.73 48.16 22.21
C ASP A 104 -7.51 48.40 23.48
N GLN A 105 -8.63 47.68 23.57
CA GLN A 105 -9.47 47.77 24.76
C GLN A 105 -8.77 47.33 26.05
N ILE A 106 -8.01 46.24 25.96
CA ILE A 106 -7.24 45.74 27.10
C ILE A 106 -6.32 46.88 27.62
N LYS A 107 -5.62 47.56 26.71
CA LYS A 107 -4.79 48.68 27.15
C LYS A 107 -5.57 49.79 27.85
N GLU A 108 -6.72 50.14 27.28
CA GLU A 108 -7.58 51.13 27.94
C GLU A 108 -8.05 50.68 29.32
N MET A 109 -8.47 49.43 29.41
CA MET A 109 -8.90 48.86 30.69
C MET A 109 -7.81 48.83 31.73
N THR A 110 -6.60 48.56 31.29
CA THR A 110 -5.45 48.67 32.16
C THR A 110 -5.28 50.10 32.72
N ARG A 111 -5.35 51.11 31.85
CA ARG A 111 -5.26 52.49 32.39
C ARG A 111 -6.35 52.75 33.42
N LYS A 112 -7.56 52.27 33.10
CA LYS A 112 -8.67 52.45 34.03
C LYS A 112 -8.47 51.79 35.37
N VAL A 113 -7.98 50.55 35.36
CA VAL A 113 -7.77 49.85 36.61
C VAL A 113 -6.75 50.61 37.44
N SER A 114 -5.65 51.05 36.81
CA SER A 114 -4.62 51.82 37.53
C SER A 114 -5.22 53.07 38.20
N ALA A 115 -6.06 53.78 37.45
CA ALA A 115 -6.71 54.96 38.00
C ALA A 115 -7.64 54.59 39.18
N GLU A 116 -8.32 53.45 39.08
CA GLU A 116 -9.18 53.00 40.18
C GLU A 116 -8.35 52.66 41.40
N VAL A 117 -7.14 52.16 41.16
CA VAL A 117 -6.20 51.89 42.23
C VAL A 117 -5.88 53.17 42.98
N ASP A 118 -5.54 54.21 42.24
CA ASP A 118 -5.29 55.51 42.90
C ASP A 118 -6.52 56.01 43.69
N LEU A 119 -7.70 55.89 43.09
CA LEU A 119 -8.93 56.24 43.78
C LEU A 119 -9.16 55.47 45.10
N VAL A 120 -9.09 54.15 45.06
CA VAL A 120 -9.30 53.34 46.26
C VAL A 120 -8.21 53.65 47.30
N HIS A 121 -6.98 53.87 46.84
CA HIS A 121 -5.90 54.28 47.75
C HIS A 121 -6.28 55.54 48.52
N GLN A 122 -6.72 56.56 47.79
CA GLN A 122 -7.07 57.84 48.42
C GLN A 122 -8.30 57.73 49.34
N GLN A 123 -9.24 56.85 48.99
CA GLN A 123 -10.39 56.61 49.88
C GLN A 123 -9.91 55.98 51.16
N THR A 124 -8.92 55.10 51.04
CA THR A 124 -8.43 54.38 52.21
C THR A 124 -7.66 55.33 53.12
N GLN A 125 -6.91 56.25 52.51
CA GLN A 125 -6.22 57.26 53.30
C GLN A 125 -7.24 58.15 53.99
N ASN A 126 -8.30 58.50 53.26
CA ASN A 126 -9.28 59.45 53.77
C ASN A 126 -10.17 58.87 54.88
N GLN A 127 -10.43 57.57 54.84
CA GLN A 127 -11.09 56.93 55.97
C GLN A 127 -10.14 56.81 57.15
N ARG A 128 -8.85 56.58 56.89
CA ARG A 128 -7.86 56.55 57.95
C ARG A 128 -7.57 57.95 58.50
N ASP B 3 16.21 -61.25 -64.52
CA ASP B 3 16.51 -61.91 -63.25
C ASP B 3 15.23 -62.03 -62.44
N ALA B 4 14.23 -62.67 -63.03
CA ALA B 4 12.91 -62.77 -62.41
C ALA B 4 12.93 -63.42 -61.02
N GLY B 5 14.08 -64.02 -60.66
CA GLY B 5 14.28 -64.65 -59.37
C GLY B 5 14.49 -63.69 -58.21
N PHE B 6 15.49 -62.80 -58.34
CA PHE B 6 15.77 -61.81 -57.29
C PHE B 6 14.58 -60.90 -57.00
N GLU B 7 13.58 -60.98 -57.86
CA GLU B 7 12.39 -60.19 -57.69
C GLU B 7 11.85 -60.61 -56.34
N ASN B 8 11.90 -61.90 -56.07
CA ASN B 8 11.37 -62.46 -54.84
C ASN B 8 12.09 -61.92 -53.60
N GLN B 9 13.41 -61.89 -53.67
CA GLN B 9 14.24 -61.38 -52.58
C GLN B 9 14.03 -59.89 -52.37
N LYS B 10 13.78 -59.18 -53.45
CA LYS B 10 13.41 -57.78 -53.39
C LYS B 10 12.08 -57.61 -52.68
N GLU B 11 11.13 -58.48 -52.99
CA GLU B 11 9.75 -58.39 -52.49
C GLU B 11 9.60 -58.55 -50.97
N LEU B 12 10.35 -59.46 -50.38
CA LEU B 12 10.35 -59.63 -48.95
C LEU B 12 10.86 -58.32 -48.34
N THR B 13 11.86 -57.76 -49.01
CA THR B 13 12.48 -56.51 -48.61
C THR B 13 11.50 -55.34 -48.66
N LYS B 14 10.66 -55.33 -49.69
CA LYS B 14 9.60 -54.36 -49.87
C LYS B 14 8.57 -54.50 -48.78
N MET B 15 8.30 -55.73 -48.39
CA MET B 15 7.40 -55.99 -47.27
C MET B 15 7.98 -55.36 -46.01
N GLN B 16 9.28 -55.50 -45.84
CA GLN B 16 10.00 -54.93 -44.69
C GLN B 16 10.03 -53.40 -44.58
N LEU B 17 10.28 -52.71 -45.69
CA LEU B 17 10.29 -51.24 -45.72
C LEU B 17 8.91 -50.62 -45.55
N ASP B 18 7.93 -51.21 -46.22
CA ASP B 18 6.57 -50.69 -46.09
C ASP B 18 6.08 -50.85 -44.66
N ASN B 19 6.28 -52.04 -44.08
CA ASN B 19 5.92 -52.23 -42.68
C ASN B 19 6.58 -51.16 -41.80
N GLN B 20 7.88 -50.97 -41.98
CA GLN B 20 8.62 -49.95 -41.23
C GLN B 20 7.97 -48.57 -41.31
N LYS B 21 7.58 -48.14 -42.52
CA LYS B 21 7.02 -46.80 -42.69
C LYS B 21 5.59 -46.66 -42.18
N GLU B 22 4.75 -47.68 -42.32
CA GLU B 22 3.39 -47.54 -41.79
C GLU B 22 3.41 -47.53 -40.24
N ILE B 23 4.35 -48.28 -39.67
CA ILE B 23 4.64 -48.20 -38.24
C ILE B 23 5.06 -46.79 -37.85
N ALA B 24 6.08 -46.26 -38.54
CA ALA B 24 6.58 -44.91 -38.25
C ALA B 24 5.46 -43.86 -38.35
N GLU B 25 4.66 -43.94 -39.40
CA GLU B 25 3.56 -43.02 -39.62
C GLU B 25 2.54 -43.09 -38.50
N MET B 26 2.23 -44.31 -38.03
CA MET B 26 1.27 -44.41 -36.93
C MET B 26 1.84 -43.88 -35.61
N GLN B 27 3.15 -44.04 -35.43
CA GLN B 27 3.82 -43.44 -34.27
C GLN B 27 3.77 -41.90 -34.35
N ASN B 28 3.94 -41.37 -35.56
CA ASN B 28 3.87 -39.93 -35.78
C ASN B 28 2.50 -39.35 -35.49
N GLU B 29 1.47 -39.95 -36.09
CA GLU B 29 0.10 -39.51 -35.81
C GLU B 29 -0.19 -39.60 -34.32
N THR B 30 0.36 -40.60 -33.65
CA THR B 30 0.23 -40.71 -32.21
C THR B 30 0.86 -39.53 -31.45
N GLN B 31 2.10 -39.18 -31.79
CA GLN B 31 2.78 -38.03 -31.19
C GLN B 31 1.98 -36.75 -31.40
N LYS B 32 1.40 -36.61 -32.60
CA LYS B 32 0.61 -35.43 -32.91
C LYS B 32 -0.66 -35.37 -32.05
N GLU B 33 -1.34 -36.51 -31.94
CA GLU B 33 -2.56 -36.59 -31.14
C GLU B 33 -2.31 -36.27 -29.65
N ILE B 34 -1.24 -36.86 -29.11
CA ILE B 34 -0.80 -36.56 -27.74
C ILE B 34 -0.56 -35.05 -27.58
N ALA B 35 0.22 -34.45 -28.50
CA ALA B 35 0.47 -33.02 -28.44
C ALA B 35 -0.81 -32.17 -28.42
N GLY B 36 -1.79 -32.57 -29.24
CA GLY B 36 -3.06 -31.85 -29.29
C GLY B 36 -3.88 -31.99 -28.01
N ILE B 37 -3.79 -33.16 -27.37
CA ILE B 37 -4.45 -33.35 -26.11
C ILE B 37 -3.83 -32.41 -25.10
N GLN B 38 -2.50 -32.46 -25.01
CA GLN B 38 -1.75 -31.58 -24.11
C GLN B 38 -2.05 -30.07 -24.34
N SER B 39 -2.27 -29.70 -25.59
CA SER B 39 -2.48 -28.30 -25.92
C SER B 39 -3.86 -27.86 -25.46
N ALA B 40 -4.87 -28.68 -25.75
CA ALA B 40 -6.24 -28.33 -25.36
C ALA B 40 -6.31 -28.26 -23.84
N THR B 41 -5.63 -29.20 -23.18
CA THR B 41 -5.59 -29.18 -21.72
C THR B 41 -4.97 -27.90 -21.19
N SER B 42 -3.83 -27.51 -21.77
CA SER B 42 -3.13 -26.32 -21.30
C SER B 42 -3.98 -25.05 -21.50
N ARG B 43 -4.66 -24.97 -22.65
CA ARG B 43 -5.54 -23.83 -22.93
C ARG B 43 -6.67 -23.76 -21.92
N GLN B 44 -7.30 -24.90 -21.68
CA GLN B 44 -8.41 -24.96 -20.72
C GLN B 44 -7.96 -24.54 -19.33
N ASN B 45 -6.86 -25.12 -18.84
CA ASN B 45 -6.28 -24.71 -17.55
C ASN B 45 -6.05 -23.21 -17.44
N THR B 46 -5.46 -22.62 -18.50
CA THR B 46 -5.22 -21.19 -18.52
C THR B 46 -6.52 -20.38 -18.40
N LYS B 47 -7.52 -20.74 -19.20
CA LYS B 47 -8.78 -20.02 -19.16
C LYS B 47 -9.44 -20.14 -17.78
N ASP B 48 -9.46 -21.35 -17.23
CA ASP B 48 -9.98 -21.53 -15.89
C ASP B 48 -9.20 -20.70 -14.86
N GLN B 49 -7.91 -20.50 -15.11
CA GLN B 49 -7.04 -19.78 -14.19
C GLN B 49 -7.26 -18.27 -14.21
N VAL B 50 -7.38 -17.70 -15.40
CA VAL B 50 -7.51 -16.24 -15.56
C VAL B 50 -8.95 -15.73 -15.46
N TYR B 51 -9.88 -16.68 -15.41
CA TYR B 51 -11.29 -16.31 -15.32
C TYR B 51 -11.62 -15.29 -14.23
N ALA B 52 -11.14 -15.55 -13.01
CA ALA B 52 -11.47 -14.72 -11.86
C ALA B 52 -10.95 -13.28 -12.03
N GLN B 53 -9.66 -13.14 -12.34
CA GLN B 53 -9.08 -11.82 -12.56
C GLN B 53 -9.79 -11.05 -13.70
N ASN B 54 -10.10 -11.75 -14.78
CA ASN B 54 -10.83 -11.14 -15.89
C ASN B 54 -12.23 -10.67 -15.46
N GLU B 55 -12.87 -11.43 -14.58
CA GLU B 55 -14.19 -11.07 -14.08
C GLU B 55 -14.16 -9.91 -13.08
N MET B 56 -13.03 -9.72 -12.39
CA MET B 56 -12.90 -8.61 -11.43
C MET B 56 -12.51 -7.30 -12.12
N LEU B 57 -11.93 -7.42 -13.30
CA LEU B 57 -11.44 -6.25 -14.05
C LEU B 57 -12.31 -4.97 -14.02
N ALA B 58 -13.52 -5.07 -14.56
CA ALA B 58 -14.43 -3.95 -14.69
C ALA B 58 -14.72 -3.30 -13.34
N TYR B 59 -14.84 -4.15 -12.32
CA TYR B 59 -15.08 -3.67 -10.99
C TYR B 59 -13.90 -2.85 -10.47
N GLN B 60 -12.69 -3.38 -10.69
CA GLN B 60 -11.47 -2.72 -10.25
C GLN B 60 -11.26 -1.37 -10.93
N GLN B 61 -11.69 -1.32 -12.19
CA GLN B 61 -11.51 -0.12 -13.01
C GLN B 61 -12.49 0.94 -12.53
N LYS B 62 -13.72 0.56 -12.29
CA LYS B 62 -14.68 1.58 -11.86
C LYS B 62 -14.40 2.07 -10.44
N GLU B 63 -13.91 1.17 -9.60
CA GLU B 63 -13.48 1.55 -8.26
C GLU B 63 -12.28 2.52 -8.35
N SER B 64 -11.35 2.25 -9.26
CA SER B 64 -10.20 3.13 -9.48
C SER B 64 -10.63 4.52 -9.94
N THR B 65 -11.62 4.58 -10.82
CA THR B 65 -12.10 5.89 -11.30
C THR B 65 -12.73 6.69 -10.15
N ALA B 66 -13.50 5.98 -9.32
CA ALA B 66 -14.10 6.60 -8.14
C ALA B 66 -12.99 7.12 -7.22
N ARG B 67 -11.96 6.31 -7.03
CA ARG B 67 -10.86 6.71 -6.16
C ARG B 67 -10.12 7.94 -6.69
N VAL B 68 -9.92 8.01 -8.00
CA VAL B 68 -9.29 9.19 -8.61
C VAL B 68 -10.07 10.46 -8.29
N ALA B 69 -11.39 10.39 -8.46
CA ALA B 69 -12.21 11.57 -8.17
C ALA B 69 -12.10 12.02 -6.71
N SER B 70 -12.07 11.04 -5.82
CA SER B 70 -11.95 11.32 -4.40
C SER B 70 -10.59 11.90 -4.06
N ILE B 71 -9.55 11.38 -4.70
CA ILE B 71 -8.19 11.82 -4.43
C ILE B 71 -8.04 13.28 -4.86
N MET B 72 -8.64 13.62 -6.00
CA MET B 72 -8.55 14.97 -6.50
C MET B 72 -9.33 15.94 -5.58
N GLU B 73 -10.49 15.50 -5.06
CA GLU B 73 -11.18 16.36 -4.09
C GLU B 73 -10.41 16.53 -2.80
N ASN B 74 -9.65 15.51 -2.39
CA ASN B 74 -8.82 15.61 -1.21
C ASN B 74 -7.73 16.65 -1.41
N THR B 75 -7.27 16.73 -2.65
CA THR B 75 -6.27 17.70 -3.03
C THR B 75 -6.83 19.11 -2.90
N ASN B 76 -8.03 19.32 -3.43
CA ASN B 76 -8.70 20.62 -3.27
C ASN B 76 -8.90 21.03 -1.81
N LEU B 77 -9.33 20.07 -1.00
CA LEU B 77 -9.53 20.32 0.43
C LEU B 77 -8.20 20.70 1.09
N SER B 78 -7.14 20.00 0.71
CA SER B 78 -5.82 20.29 1.24
C SER B 78 -5.43 21.76 0.97
N LYS B 79 -5.71 22.23 -0.23
CA LYS B 79 -5.43 23.64 -0.52
C LYS B 79 -6.22 24.61 0.34
N GLN B 80 -7.52 24.32 0.52
CA GLN B 80 -8.32 25.18 1.36
C GLN B 80 -7.82 25.19 2.81
N GLN B 81 -7.42 24.01 3.30
CA GLN B 81 -6.87 23.86 4.63
C GLN B 81 -5.55 24.65 4.80
N GLN B 82 -4.75 24.71 3.75
CA GLN B 82 -3.53 25.50 3.79
C GLN B 82 -3.90 26.95 4.03
N VAL B 83 -4.87 27.44 3.27
CA VAL B 83 -5.37 28.81 3.53
C VAL B 83 -5.89 29.00 4.97
N SER B 84 -6.70 28.07 5.45
CA SER B 84 -7.17 28.13 6.84
C SER B 84 -6.03 28.18 7.89
N GLU B 85 -4.99 27.39 7.70
CA GLU B 85 -3.81 27.42 8.57
C GLU B 85 -3.22 28.82 8.57
N ILE B 86 -3.18 29.44 7.40
CA ILE B 86 -2.62 30.78 7.32
C ILE B 86 -3.46 31.81 8.10
N MET B 87 -4.79 31.73 7.93
CA MET B 87 -5.67 32.66 8.62
C MET B 87 -5.47 32.52 10.11
N ARG B 88 -5.40 31.27 10.50
CA ARG B 88 -5.26 30.94 11.90
C ARG B 88 -3.89 31.30 12.50
N GLN B 89 -2.84 31.30 11.67
CA GLN B 89 -1.55 31.79 12.15
C GLN B 89 -1.74 33.25 12.54
N MET B 90 -2.42 34.00 11.68
CA MET B 90 -2.67 35.40 12.00
C MET B 90 -3.55 35.63 13.27
N LEU B 91 -4.59 34.82 13.42
CA LEU B 91 -5.42 34.95 14.63
C LEU B 91 -4.56 34.68 15.86
N THR B 92 -3.67 33.69 15.75
CA THR B 92 -2.82 33.29 16.85
C THR B 92 -1.86 34.43 17.19
N GLN B 93 -1.34 35.09 16.17
CA GLN B 93 -0.46 36.23 16.37
C GLN B 93 -1.19 37.35 17.13
N ALA B 94 -2.42 37.62 16.71
CA ALA B 94 -3.20 38.64 17.37
C ALA B 94 -3.45 38.26 18.83
N GLN B 95 -3.72 36.99 19.05
CA GLN B 95 -4.01 36.48 20.37
C GLN B 95 -2.79 36.49 21.29
N THR B 96 -1.59 36.25 20.76
CA THR B 96 -0.36 36.29 21.55
C THR B 96 -0.14 37.74 22.02
N ALA B 97 -0.34 38.68 21.10
CA ALA B 97 -0.20 40.06 21.51
C ALA B 97 -1.21 40.42 22.64
N GLY B 98 -2.45 39.95 22.46
CA GLY B 98 -3.48 40.16 23.45
C GLY B 98 -3.12 39.56 24.79
N GLN B 99 -2.51 38.38 24.77
CA GLN B 99 -2.15 37.75 26.03
C GLN B 99 -1.09 38.59 26.74
N TYR B 100 -0.13 39.16 25.99
CA TYR B 100 0.84 40.06 26.68
C TYR B 100 0.21 41.34 27.34
N PHE B 101 -0.71 41.96 26.60
CA PHE B 101 -1.41 43.10 27.18
C PHE B 101 -2.23 42.63 28.40
N THR B 102 -2.82 41.45 28.29
CA THR B 102 -3.59 40.88 29.41
C THR B 102 -2.67 40.61 30.63
N ASN B 103 -1.43 40.20 30.40
CA ASN B 103 -0.50 40.01 31.52
C ASN B 103 -0.32 41.34 32.32
N ASP B 104 -0.17 42.45 31.59
CA ASP B 104 -0.07 43.73 32.31
C ASP B 104 -1.38 44.05 33.05
N GLN B 105 -2.51 43.79 32.39
CA GLN B 105 -3.77 44.02 33.06
C GLN B 105 -3.94 43.18 34.32
N ILE B 106 -3.54 41.92 34.26
CA ILE B 106 -3.60 41.04 35.43
C ILE B 106 -2.85 41.66 36.60
N LYS B 107 -1.62 42.14 36.36
CA LYS B 107 -0.86 42.79 37.43
C LYS B 107 -1.52 44.05 38.04
N GLU B 108 -2.04 44.93 37.18
CA GLU B 108 -2.77 46.09 37.70
C GLU B 108 -4.00 45.69 38.52
N MET B 109 -4.78 44.74 38.00
CA MET B 109 -5.96 44.26 38.72
C MET B 109 -5.59 43.65 40.08
N THR B 110 -4.46 42.95 40.12
CA THR B 110 -3.93 42.48 41.41
C THR B 110 -3.66 43.63 42.37
N ARG B 111 -2.99 44.69 41.90
CA ARG B 111 -2.79 45.85 42.77
C ARG B 111 -4.13 46.37 43.29
N LYS B 112 -5.11 46.44 42.41
CA LYS B 112 -6.44 46.90 42.82
C LYS B 112 -7.09 46.01 43.88
N VAL B 113 -6.99 44.70 43.69
CA VAL B 113 -7.58 43.77 44.64
C VAL B 113 -6.90 43.99 45.98
N SER B 114 -5.57 44.11 45.96
CA SER B 114 -4.81 44.35 47.19
C SER B 114 -5.28 45.59 47.93
N ALA B 115 -5.48 46.65 47.16
CA ALA B 115 -5.94 47.89 47.75
C ALA B 115 -7.35 47.75 48.34
N GLU B 116 -8.19 46.97 47.66
CA GLU B 116 -9.54 46.74 48.16
C GLU B 116 -9.51 45.94 49.45
N VAL B 117 -8.54 45.03 49.55
CA VAL B 117 -8.31 44.30 50.79
C VAL B 117 -7.99 45.29 51.89
N ASP B 118 -7.07 46.24 51.63
CA ASP B 118 -6.78 47.28 52.65
C ASP B 118 -8.02 48.07 53.08
N LEU B 119 -8.86 48.41 52.13
CA LEU B 119 -10.11 49.10 52.47
C LEU B 119 -11.05 48.24 53.33
N VAL B 120 -11.35 47.02 52.90
CA VAL B 120 -12.22 46.12 53.67
C VAL B 120 -11.68 45.91 55.09
N HIS B 121 -10.37 45.68 55.22
CA HIS B 121 -9.72 45.57 56.52
C HIS B 121 -9.93 46.81 57.40
N GLN B 122 -9.74 48.00 56.81
CA GLN B 122 -9.97 49.22 57.56
C GLN B 122 -11.41 49.34 58.04
N GLN B 123 -12.35 48.99 57.16
CA GLN B 123 -13.78 49.01 57.49
C GLN B 123 -14.05 48.10 58.67
N THR B 124 -13.47 46.91 58.60
CA THR B 124 -13.72 45.87 59.59
C THR B 124 -13.18 46.31 60.93
N GLN B 125 -12.03 46.98 60.87
CA GLN B 125 -11.35 47.46 62.05
C GLN B 125 -12.19 48.55 62.70
N ASN B 126 -12.74 49.44 61.87
CA ASN B 126 -13.59 50.51 62.38
C ASN B 126 -14.88 50.01 62.99
N GLN B 127 -15.41 48.93 62.43
CA GLN B 127 -16.66 48.34 62.93
C GLN B 127 -16.44 47.43 64.14
N ARG B 128 -15.23 46.92 64.32
CA ARG B 128 -14.95 46.01 65.41
C ARG B 128 -14.64 46.76 66.71
N TYR B 129 -13.87 47.85 66.61
CA TYR B 129 -13.61 48.74 67.74
C TYR B 129 -14.09 50.14 67.40
N GLY C 5 23.80 -58.41 -61.69
CA GLY C 5 23.51 -58.92 -60.36
C GLY C 5 23.79 -57.87 -59.29
N PHE C 6 25.03 -57.40 -59.25
CA PHE C 6 25.43 -56.34 -58.32
C PHE C 6 24.55 -55.09 -58.48
N GLU C 7 24.17 -54.74 -59.71
CA GLU C 7 23.32 -53.58 -59.91
C GLU C 7 22.03 -53.68 -59.11
N ASN C 8 21.61 -54.91 -58.85
CA ASN C 8 20.37 -55.14 -58.15
C ASN C 8 20.58 -55.19 -56.63
N GLN C 9 21.85 -55.38 -56.25
CA GLN C 9 22.31 -54.99 -54.91
C GLN C 9 22.08 -53.48 -54.81
N LYS C 10 22.44 -52.77 -55.88
CA LYS C 10 22.32 -51.32 -55.96
C LYS C 10 20.89 -50.86 -56.20
N GLU C 11 19.95 -51.79 -56.29
CA GLU C 11 18.54 -51.42 -56.24
C GLU C 11 17.93 -51.68 -54.86
N LEU C 12 18.29 -52.83 -54.27
CA LEU C 12 17.82 -53.18 -52.95
C LEU C 12 18.35 -52.19 -51.91
N THR C 13 19.63 -51.88 -52.03
CA THR C 13 20.28 -50.99 -51.09
C THR C 13 19.63 -49.63 -51.18
N LYS C 14 19.35 -49.18 -52.39
CA LYS C 14 18.74 -47.87 -52.60
C LYS C 14 17.37 -47.86 -51.96
N MET C 15 16.63 -48.94 -52.13
CA MET C 15 15.28 -49.02 -51.61
C MET C 15 15.31 -48.92 -50.09
N GLN C 16 16.28 -49.59 -49.47
CA GLN C 16 16.46 -49.48 -48.03
C GLN C 16 16.88 -48.07 -47.57
N LEU C 17 17.84 -47.49 -48.30
CA LEU C 17 18.42 -46.20 -47.98
C LEU C 17 17.43 -45.05 -48.09
N ASP C 18 16.58 -45.14 -49.08
CA ASP C 18 15.61 -44.11 -49.38
C ASP C 18 14.39 -44.24 -48.50
N ASN C 19 14.07 -45.47 -48.08
CA ASN C 19 13.00 -45.68 -47.10
C ASN C 19 13.43 -45.07 -45.76
N GLN C 20 14.67 -45.35 -45.38
CA GLN C 20 15.31 -44.68 -44.23
C GLN C 20 15.07 -43.17 -44.25
N LYS C 21 15.46 -42.52 -45.33
CA LYS C 21 15.29 -41.07 -45.41
C LYS C 21 13.83 -40.59 -45.44
N GLU C 22 12.99 -41.23 -46.25
CA GLU C 22 11.60 -40.77 -46.26
C GLU C 22 10.93 -40.88 -44.88
N ILE C 23 11.31 -41.91 -44.13
CA ILE C 23 10.88 -42.08 -42.73
C ILE C 23 11.42 -40.93 -41.85
N ALA C 24 12.71 -40.65 -41.98
CA ALA C 24 13.33 -39.57 -41.21
C ALA C 24 12.69 -38.20 -41.52
N GLU C 25 12.19 -38.06 -42.73
CA GLU C 25 11.62 -36.81 -43.23
C GLU C 25 10.23 -36.63 -42.63
N MET C 26 9.45 -37.71 -42.64
CA MET C 26 8.16 -37.70 -41.98
C MET C 26 8.29 -37.41 -40.46
N GLN C 27 9.36 -37.93 -39.87
CA GLN C 27 9.60 -37.73 -38.45
C GLN C 27 10.01 -36.29 -38.12
N ASN C 28 10.95 -35.72 -38.88
CA ASN C 28 11.29 -34.32 -38.72
C ASN C 28 10.05 -33.41 -38.88
N GLU C 29 9.28 -33.63 -39.95
CA GLU C 29 8.06 -32.86 -40.18
C GLU C 29 7.11 -32.93 -39.00
N THR C 30 6.99 -34.12 -38.40
CA THR C 30 6.18 -34.27 -37.20
C THR C 30 6.72 -33.42 -36.03
N GLN C 31 8.03 -33.53 -35.77
CA GLN C 31 8.71 -32.73 -34.73
C GLN C 31 8.40 -31.24 -34.86
N LYS C 32 8.56 -30.73 -36.08
CA LYS C 32 8.33 -29.31 -36.34
C LYS C 32 6.88 -28.91 -36.12
N GLU C 33 5.94 -29.71 -36.62
CA GLU C 33 4.53 -29.42 -36.37
C GLU C 33 4.16 -29.45 -34.85
N ILE C 34 4.79 -30.35 -34.10
CA ILE C 34 4.50 -30.43 -32.66
C ILE C 34 5.02 -29.19 -31.95
N ALA C 35 6.27 -28.84 -32.23
CA ALA C 35 6.84 -27.58 -31.74
C ALA C 35 5.96 -26.35 -32.07
N GLY C 36 5.43 -26.29 -33.29
CA GLY C 36 4.59 -25.16 -33.67
C GLY C 36 3.30 -25.11 -32.88
N ILE C 37 2.70 -26.27 -32.67
CA ILE C 37 1.54 -26.39 -31.79
C ILE C 37 1.84 -25.87 -30.37
N GLN C 38 2.89 -26.43 -29.75
CA GLN C 38 3.31 -26.00 -28.41
C GLN C 38 3.61 -24.51 -28.31
N SER C 39 4.29 -23.98 -29.32
CA SER C 39 4.62 -22.55 -29.34
C SER C 39 3.39 -21.68 -29.39
N ALA C 40 2.48 -22.00 -30.31
CA ALA C 40 1.25 -21.25 -30.45
C ALA C 40 0.48 -21.28 -29.15
N THR C 41 0.34 -22.47 -28.57
CA THR C 41 -0.32 -22.63 -27.28
C THR C 41 0.30 -21.74 -26.20
N SER C 42 1.62 -21.76 -26.14
CA SER C 42 2.34 -21.06 -25.08
C SER C 42 2.12 -19.54 -25.22
N ARG C 43 2.26 -19.05 -26.45
CA ARG C 43 2.00 -17.64 -26.74
C ARG C 43 0.57 -17.21 -26.38
N GLN C 44 -0.41 -18.02 -26.77
CA GLN C 44 -1.79 -17.66 -26.45
C GLN C 44 -2.08 -17.71 -24.94
N ASN C 45 -1.53 -18.71 -24.25
CA ASN C 45 -1.63 -18.73 -22.80
C ASN C 45 -1.10 -17.44 -22.20
N THR C 46 0.06 -17.00 -22.67
CA THR C 46 0.64 -15.76 -22.15
C THR C 46 -0.27 -14.55 -22.41
N LYS C 47 -0.85 -14.47 -23.61
CA LYS C 47 -1.75 -13.35 -23.87
C LYS C 47 -2.91 -13.36 -22.89
N ASP C 48 -3.52 -14.53 -22.73
CA ASP C 48 -4.63 -14.66 -21.80
C ASP C 48 -4.22 -14.27 -20.39
N GLN C 49 -3.00 -14.64 -20.01
CA GLN C 49 -2.53 -14.36 -18.67
C GLN C 49 -2.28 -12.89 -18.40
N VAL C 50 -1.78 -12.15 -19.40
CA VAL C 50 -1.40 -10.75 -19.15
C VAL C 50 -2.46 -9.75 -19.48
N TYR C 51 -3.55 -10.24 -20.09
CA TYR C 51 -4.70 -9.37 -20.41
C TYR C 51 -5.09 -8.38 -19.29
N ALA C 52 -5.35 -8.90 -18.11
CA ALA C 52 -5.90 -8.07 -17.05
C ALA C 52 -4.89 -7.01 -16.56
N GLN C 53 -3.65 -7.42 -16.31
CA GLN C 53 -2.63 -6.45 -15.91
C GLN C 53 -2.47 -5.34 -16.94
N ASN C 54 -2.46 -5.72 -18.22
CA ASN C 54 -2.37 -4.74 -19.30
C ASN C 54 -3.59 -3.81 -19.30
N GLU C 55 -4.78 -4.34 -19.05
CA GLU C 55 -5.97 -3.51 -19.11
C GLU C 55 -6.11 -2.62 -17.89
N MET C 56 -5.36 -2.93 -16.82
CA MET C 56 -5.42 -2.13 -15.59
C MET C 56 -4.35 -1.05 -15.58
N LEU C 57 -3.32 -1.26 -16.38
CA LEU C 57 -2.18 -0.35 -16.43
C LEU C 57 -2.54 1.14 -16.49
N ALA C 58 -3.45 1.50 -17.38
CA ALA C 58 -3.77 2.92 -17.58
C ALA C 58 -4.48 3.51 -16.34
N TYR C 59 -5.36 2.73 -15.74
CA TYR C 59 -6.08 3.16 -14.55
C TYR C 59 -5.07 3.36 -13.43
N GLN C 60 -4.15 2.42 -13.32
CA GLN C 60 -3.14 2.50 -12.28
C GLN C 60 -2.26 3.73 -12.46
N GLN C 61 -2.01 4.10 -13.71
CA GLN C 61 -1.13 5.23 -13.99
C GLN C 61 -1.79 6.54 -13.63
N LYS C 62 -3.04 6.70 -14.04
CA LYS C 62 -3.68 7.97 -13.72
C LYS C 62 -4.01 8.13 -12.23
N GLU C 63 -4.30 7.00 -11.58
CA GLU C 63 -4.48 7.01 -10.13
C GLU C 63 -3.17 7.40 -9.44
N SER C 64 -2.06 6.89 -9.92
CA SER C 64 -0.76 7.23 -9.38
C SER C 64 -0.47 8.73 -9.55
N THR C 65 -0.85 9.27 -10.71
CA THR C 65 -0.62 10.70 -10.96
C THR C 65 -1.46 11.58 -9.98
N ALA C 66 -2.70 11.16 -9.77
CA ALA C 66 -3.58 11.84 -8.81
C ALA C 66 -2.99 11.78 -7.41
N ARG C 67 -2.49 10.61 -7.04
CA ARG C 67 -1.92 10.45 -5.72
C ARG C 67 -0.71 11.33 -5.54
N VAL C 68 0.12 11.46 -6.58
CA VAL C 68 1.27 12.35 -6.54
C VAL C 68 0.88 13.80 -6.25
N ALA C 69 -0.13 14.28 -6.98
CA ALA C 69 -0.57 15.67 -6.76
C ALA C 69 -1.09 15.84 -5.30
N SER C 70 -1.77 14.84 -4.80
CA SER C 70 -2.30 14.89 -3.46
C SER C 70 -1.19 14.85 -2.39
N ILE C 71 -0.19 14.04 -2.63
CA ILE C 71 0.93 13.87 -1.71
C ILE C 71 1.67 15.19 -1.62
N MET C 72 1.81 15.85 -2.76
CA MET C 72 2.52 17.13 -2.78
C MET C 72 1.69 18.18 -2.01
N GLU C 73 0.38 18.13 -2.17
CA GLU C 73 -0.39 19.07 -1.36
C GLU C 73 -0.33 18.76 0.15
N ASN C 74 -0.22 17.48 0.53
CA ASN C 74 -0.05 17.13 1.94
C ASN C 74 1.30 17.66 2.46
N THR C 75 2.31 17.67 1.59
CA THR C 75 3.61 18.17 1.97
C THR C 75 3.53 19.67 2.28
N ASN C 76 2.88 20.41 1.37
CA ASN C 76 2.64 21.83 1.60
C ASN C 76 1.86 22.10 2.89
N LEU C 77 0.83 21.29 3.14
CA LEU C 77 0.04 21.47 4.37
C LEU C 77 0.91 21.22 5.58
N SER C 78 1.74 20.21 5.53
CA SER C 78 2.66 19.92 6.64
C SER C 78 3.55 21.15 6.92
N LYS C 79 4.04 21.79 5.86
CA LYS C 79 4.83 23.01 6.08
C LYS C 79 3.98 24.11 6.78
N GLN C 80 2.73 24.27 6.33
CA GLN C 80 1.87 25.26 7.00
C GLN C 80 1.60 24.90 8.47
N GLN C 81 1.40 23.62 8.75
CA GLN C 81 1.17 23.14 10.12
C GLN C 81 2.38 23.39 11.02
N GLN C 82 3.59 23.28 10.46
CA GLN C 82 4.80 23.60 11.20
C GLN C 82 4.84 25.05 11.62
N VAL C 83 4.53 25.93 10.67
CA VAL C 83 4.44 27.37 10.99
C VAL C 83 3.40 27.60 12.10
N SER C 84 2.23 26.99 11.96
CA SER C 84 1.17 27.07 13.00
C SER C 84 1.64 26.61 14.38
N GLU C 85 2.39 25.51 14.42
CA GLU C 85 2.95 25.02 15.67
C GLU C 85 3.84 26.12 16.26
N ILE C 86 4.61 26.80 15.41
CA ILE C 86 5.51 27.84 15.91
C ILE C 86 4.72 29.04 16.51
N MET C 87 3.67 29.45 15.81
CA MET C 87 2.86 30.57 16.29
C MET C 87 2.26 30.18 17.65
N ARG C 88 1.78 28.95 17.72
CA ARG C 88 1.13 28.47 18.93
C ARG C 88 2.09 28.29 20.11
N GLN C 89 3.34 27.99 19.82
CA GLN C 89 4.36 27.94 20.85
C GLN C 89 4.47 29.30 21.52
N MET C 90 4.51 30.34 20.70
CA MET C 90 4.59 31.70 21.30
C MET C 90 3.34 32.04 22.14
N LEU C 91 2.15 31.68 21.63
CA LEU C 91 0.91 31.92 22.41
C LEU C 91 0.97 31.19 23.75
N THR C 92 1.46 29.96 23.74
CA THR C 92 1.50 29.15 24.93
C THR C 92 2.46 29.75 25.97
N GLN C 93 3.63 30.26 25.53
CA GLN C 93 4.56 30.89 26.47
C GLN C 93 3.91 32.10 27.15
N ALA C 94 3.22 32.89 26.33
CA ALA C 94 2.56 34.06 26.85
C ALA C 94 1.50 33.61 27.86
N GLN C 95 0.80 32.52 27.55
CA GLN C 95 -0.26 32.06 28.44
C GLN C 95 0.36 31.52 29.72
N THR C 96 1.54 30.91 29.65
CA THR C 96 2.17 30.42 30.88
C THR C 96 2.52 31.59 31.82
N ALA C 97 3.11 32.65 31.26
CA ALA C 97 3.40 33.82 32.10
C ALA C 97 2.09 34.39 32.68
N GLY C 98 1.05 34.43 31.85
CA GLY C 98 -0.24 34.90 32.30
C GLY C 98 -0.78 34.06 33.45
N GLN C 99 -0.57 32.76 33.39
CA GLN C 99 -1.04 31.88 34.46
C GLN C 99 -0.28 32.18 35.77
N TYR C 100 1.03 32.42 35.67
CA TYR C 100 1.79 32.81 36.88
C TYR C 100 1.33 34.14 37.54
N PHE C 101 1.07 35.14 36.70
CA PHE C 101 0.55 36.38 37.25
C PHE C 101 -0.84 36.13 37.86
N THR C 102 -1.63 35.30 37.17
CA THR C 102 -2.97 34.94 37.63
C THR C 102 -2.91 34.21 38.97
N ASN C 103 -1.89 33.36 39.14
CA ASN C 103 -1.71 32.66 40.42
C ASN C 103 -1.58 33.67 41.56
N ASP C 104 -0.79 34.71 41.33
CA ASP C 104 -0.71 35.71 42.37
C ASP C 104 -2.06 36.41 42.62
N GLN C 105 -2.77 36.71 41.54
CA GLN C 105 -4.05 37.35 41.72
C GLN C 105 -5.03 36.50 42.52
N ILE C 106 -5.05 35.19 42.27
CA ILE C 106 -5.88 34.26 43.02
C ILE C 106 -5.61 34.37 44.50
N LYS C 107 -4.34 34.39 44.87
CA LYS C 107 -4.05 34.54 46.29
C LYS C 107 -4.56 35.86 46.90
N GLU C 108 -4.35 36.96 46.19
CA GLU C 108 -4.90 38.22 46.70
C GLU C 108 -6.45 38.22 46.82
N MET C 109 -7.13 37.70 45.80
CA MET C 109 -8.59 37.60 45.80
C MET C 109 -9.12 36.71 46.94
N THR C 110 -8.42 35.64 47.26
CA THR C 110 -8.75 34.84 48.43
C THR C 110 -8.68 35.65 49.71
N ARG C 111 -7.58 36.40 49.86
CA ARG C 111 -7.45 37.28 51.03
C ARG C 111 -8.64 38.25 51.12
N LYS C 112 -9.04 38.77 49.98
CA LYS C 112 -10.19 39.64 49.92
C LYS C 112 -11.50 38.90 50.36
N VAL C 113 -11.70 37.66 49.90
CA VAL C 113 -12.90 36.98 50.27
C VAL C 113 -12.92 36.79 51.80
N SER C 114 -11.80 36.36 52.37
CA SER C 114 -11.71 36.18 53.83
C SER C 114 -12.08 37.42 54.61
N ALA C 115 -11.54 38.54 54.16
CA ALA C 115 -11.83 39.82 54.84
C ALA C 115 -13.31 40.14 54.71
N GLU C 116 -13.89 39.84 53.57
CA GLU C 116 -15.32 40.07 53.38
C GLU C 116 -16.16 39.17 54.29
N VAL C 117 -15.66 37.97 54.56
CA VAL C 117 -16.31 37.10 55.54
C VAL C 117 -16.34 37.79 56.89
N ASP C 118 -15.19 38.31 57.35
CA ASP C 118 -15.19 39.06 58.61
C ASP C 118 -16.13 40.25 58.59
N LEU C 119 -16.21 40.95 57.47
CA LEU C 119 -17.10 42.10 57.42
C LEU C 119 -18.56 41.68 57.58
N VAL C 120 -19.00 40.70 56.79
CA VAL C 120 -20.38 40.20 56.87
C VAL C 120 -20.71 39.67 58.29
N HIS C 121 -19.79 38.95 58.91
CA HIS C 121 -19.99 38.48 60.28
C HIS C 121 -20.17 39.62 61.27
N GLN C 122 -19.27 40.60 61.19
CA GLN C 122 -19.32 41.75 62.10
C GLN C 122 -20.62 42.54 61.90
N GLN C 123 -21.09 42.60 60.65
CA GLN C 123 -22.34 43.29 60.34
C GLN C 123 -23.54 42.54 60.91
N THR C 124 -23.46 41.21 61.01
CA THR C 124 -24.54 40.48 61.68
C THR C 124 -24.44 40.50 63.22
N GLN C 125 -23.20 40.51 63.74
CA GLN C 125 -22.96 40.57 65.17
C GLN C 125 -23.43 41.90 65.77
N ASN C 126 -23.38 42.96 64.99
CA ASN C 126 -24.14 44.15 65.34
C ASN C 126 -25.24 44.43 64.31
N VAL D 2 43.33 -54.02 -59.29
CA VAL D 2 42.02 -53.37 -59.23
C VAL D 2 40.86 -54.40 -59.25
N ASP D 3 40.73 -55.15 -58.15
CA ASP D 3 39.75 -56.23 -58.08
C ASP D 3 38.29 -55.75 -57.90
N ALA D 4 37.40 -56.33 -58.72
CA ALA D 4 36.03 -55.87 -58.87
C ALA D 4 35.22 -55.83 -57.59
N GLY D 5 35.43 -56.84 -56.74
CA GLY D 5 34.66 -56.99 -55.51
C GLY D 5 34.78 -55.79 -54.58
N PHE D 6 36.02 -55.49 -54.19
CA PHE D 6 36.34 -54.38 -53.30
C PHE D 6 35.78 -53.05 -53.77
N GLU D 7 36.00 -52.72 -55.04
CA GLU D 7 35.56 -51.44 -55.59
C GLU D 7 34.04 -51.35 -55.67
N ASN D 8 33.40 -52.45 -56.07
CA ASN D 8 31.94 -52.40 -56.17
C ASN D 8 31.25 -52.33 -54.79
N GLN D 9 31.87 -52.94 -53.78
CA GLN D 9 31.30 -52.83 -52.43
C GLN D 9 31.77 -51.56 -51.68
N LYS D 10 32.78 -50.87 -52.23
CA LYS D 10 33.12 -49.53 -51.80
C LYS D 10 32.03 -48.59 -52.31
N GLU D 11 31.62 -48.77 -53.55
CA GLU D 11 30.42 -48.10 -54.06
C GLU D 11 29.24 -48.30 -53.10
N LEU D 12 28.86 -49.57 -52.95
CA LEU D 12 27.72 -49.93 -52.11
C LEU D 12 27.79 -49.31 -50.71
N THR D 13 28.97 -49.39 -50.10
CA THR D 13 29.18 -48.80 -48.77
C THR D 13 29.00 -47.27 -48.74
N LYS D 14 29.61 -46.57 -49.70
CA LYS D 14 29.47 -45.12 -49.78
C LYS D 14 28.01 -44.68 -49.85
N MET D 15 27.21 -45.40 -50.65
CA MET D 15 25.77 -45.08 -50.69
C MET D 15 25.14 -44.98 -49.29
N GLN D 16 25.49 -45.92 -48.42
CA GLN D 16 24.97 -45.97 -47.05
C GLN D 16 25.55 -44.88 -46.17
N LEU D 17 26.88 -44.73 -46.18
CA LEU D 17 27.51 -43.70 -45.36
C LEU D 17 26.98 -42.30 -45.68
N ASP D 18 26.75 -42.03 -46.95
CA ASP D 18 26.27 -40.72 -47.29
C ASP D 18 24.78 -40.57 -47.03
N ASN D 19 24.02 -41.66 -47.17
CA ASN D 19 22.63 -41.58 -46.74
C ASN D 19 22.49 -41.29 -45.24
N GLN D 20 23.36 -41.88 -44.43
CA GLN D 20 23.27 -41.67 -42.97
C GLN D 20 23.82 -40.31 -42.55
N LYS D 21 24.81 -39.81 -43.29
CA LYS D 21 25.28 -38.45 -43.03
C LYS D 21 24.24 -37.40 -43.43
N GLU D 22 23.61 -37.57 -44.58
CA GLU D 22 22.59 -36.60 -45.00
C GLU D 22 21.34 -36.69 -44.09
N ILE D 23 21.04 -37.89 -43.60
CA ILE D 23 19.97 -38.04 -42.61
C ILE D 23 20.28 -37.26 -41.32
N ALA D 24 21.49 -37.46 -40.80
CA ALA D 24 21.94 -36.75 -39.60
C ALA D 24 21.98 -35.22 -39.79
N GLU D 25 22.41 -34.75 -40.95
CA GLU D 25 22.43 -33.32 -41.22
C GLU D 25 21.03 -32.73 -41.19
N MET D 26 20.11 -33.40 -41.88
CA MET D 26 18.71 -32.96 -41.88
C MET D 26 18.10 -32.98 -40.46
N GLN D 27 18.57 -33.92 -39.64
CA GLN D 27 18.10 -34.02 -38.27
C GLN D 27 18.58 -32.84 -37.43
N ASN D 28 19.89 -32.62 -37.41
CA ASN D 28 20.45 -31.42 -36.79
C ASN D 28 19.74 -30.13 -37.19
N GLU D 29 19.49 -29.99 -38.49
CA GLU D 29 18.78 -28.81 -38.99
C GLU D 29 17.41 -28.68 -38.37
N THR D 30 16.66 -29.78 -38.33
CA THR D 30 15.39 -29.80 -37.59
C THR D 30 15.52 -29.39 -36.11
N GLN D 31 16.55 -29.91 -35.42
CA GLN D 31 16.80 -29.58 -34.00
C GLN D 31 17.04 -28.09 -33.78
N LYS D 32 17.97 -27.52 -34.53
CA LYS D 32 18.28 -26.10 -34.44
C LYS D 32 17.08 -25.22 -34.78
N GLU D 33 16.32 -25.58 -35.82
CA GLU D 33 15.08 -24.81 -36.10
C GLU D 33 14.09 -24.84 -34.92
N ILE D 34 13.80 -26.05 -34.41
CA ILE D 34 12.90 -26.20 -33.28
C ILE D 34 13.38 -25.34 -32.11
N ALA D 35 14.69 -25.36 -31.84
CA ALA D 35 15.26 -24.55 -30.77
C ALA D 35 15.11 -23.06 -31.01
N GLY D 36 15.20 -22.65 -32.27
CA GLY D 36 15.02 -21.24 -32.60
C GLY D 36 13.59 -20.80 -32.32
N ILE D 37 12.64 -21.63 -32.73
CA ILE D 37 11.24 -21.32 -32.52
C ILE D 37 10.95 -21.24 -31.02
N GLN D 38 11.48 -22.21 -30.28
CA GLN D 38 11.33 -22.22 -28.82
C GLN D 38 11.89 -20.95 -28.16
N SER D 39 13.13 -20.59 -28.51
CA SER D 39 13.74 -19.40 -27.96
C SER D 39 12.95 -18.12 -28.27
N ALA D 40 12.54 -17.95 -29.53
CA ALA D 40 11.76 -16.78 -29.91
C ALA D 40 10.47 -16.72 -29.09
N THR D 41 9.78 -17.86 -28.97
CA THR D 41 8.58 -17.93 -28.13
C THR D 41 8.83 -17.50 -26.68
N SER D 42 9.93 -17.96 -26.12
CA SER D 42 10.25 -17.71 -24.71
C SER D 42 10.56 -16.23 -24.47
N ARG D 43 11.32 -15.66 -25.40
CA ARG D 43 11.63 -14.24 -25.38
C ARG D 43 10.37 -13.37 -25.48
N GLN D 44 9.54 -13.64 -26.49
CA GLN D 44 8.33 -12.86 -26.70
C GLN D 44 7.38 -12.98 -25.51
N ASN D 45 7.31 -14.18 -24.93
CA ASN D 45 6.56 -14.40 -23.70
C ASN D 45 7.01 -13.49 -22.58
N THR D 46 8.30 -13.51 -22.28
CA THR D 46 8.83 -12.71 -21.18
C THR D 46 8.61 -11.22 -21.42
N LYS D 47 8.87 -10.74 -22.63
CA LYS D 47 8.61 -9.33 -22.90
C LYS D 47 7.18 -8.98 -22.60
N ASP D 48 6.29 -9.85 -23.06
CA ASP D 48 4.86 -9.65 -22.88
C ASP D 48 4.49 -9.67 -21.41
N GLN D 49 5.28 -10.39 -20.63
CA GLN D 49 5.01 -10.54 -19.22
C GLN D 49 5.45 -9.32 -18.42
N VAL D 50 6.55 -8.70 -18.84
CA VAL D 50 7.14 -7.60 -18.07
C VAL D 50 6.72 -6.21 -18.57
N TYR D 51 5.98 -6.19 -19.67
CA TYR D 51 5.45 -4.94 -20.20
C TYR D 51 4.88 -4.00 -19.13
N ALA D 52 3.92 -4.52 -18.36
CA ALA D 52 3.21 -3.71 -17.38
C ALA D 52 4.17 -3.15 -16.31
N GLN D 53 4.94 -4.02 -15.67
CA GLN D 53 5.84 -3.54 -14.62
C GLN D 53 6.82 -2.48 -15.13
N ASN D 54 7.36 -2.70 -16.33
CA ASN D 54 8.25 -1.71 -16.91
C ASN D 54 7.49 -0.39 -17.17
N GLU D 55 6.24 -0.48 -17.62
CA GLU D 55 5.40 0.69 -17.88
C GLU D 55 5.13 1.50 -16.61
N MET D 56 4.91 0.82 -15.49
CA MET D 56 4.58 1.44 -14.20
C MET D 56 5.82 2.01 -13.52
N LEU D 57 6.99 1.55 -13.93
CA LEU D 57 8.25 2.00 -13.36
C LEU D 57 8.37 3.52 -13.06
N ALA D 58 8.22 4.36 -14.09
CA ALA D 58 8.43 5.80 -13.95
C ALA D 58 7.43 6.46 -12.98
N TYR D 59 6.20 5.98 -13.03
CA TYR D 59 5.15 6.47 -12.16
C TYR D 59 5.51 6.14 -10.72
N GLN D 60 5.95 4.91 -10.50
CA GLN D 60 6.32 4.47 -9.17
C GLN D 60 7.49 5.29 -8.64
N GLN D 61 8.39 5.67 -9.54
CA GLN D 61 9.55 6.40 -9.10
C GLN D 61 9.17 7.83 -8.68
N LYS D 62 8.37 8.55 -9.48
CA LYS D 62 8.07 9.91 -9.03
C LYS D 62 7.12 9.90 -7.82
N GLU D 63 6.26 8.91 -7.75
CA GLU D 63 5.46 8.79 -6.54
C GLU D 63 6.34 8.55 -5.32
N SER D 64 7.36 7.71 -5.44
CA SER D 64 8.27 7.46 -4.33
C SER D 64 9.02 8.70 -3.89
N THR D 65 9.45 9.49 -4.86
CA THR D 65 10.17 10.71 -4.57
C THR D 65 9.24 11.72 -3.84
N ALA D 66 8.00 11.80 -4.30
CA ALA D 66 7.00 12.66 -3.65
C ALA D 66 6.78 12.22 -2.21
N ARG D 67 6.68 10.90 -2.01
CA ARG D 67 6.44 10.37 -0.67
C ARG D 67 7.61 10.68 0.24
N VAL D 68 8.84 10.59 -0.27
CA VAL D 68 10.02 10.96 0.50
C VAL D 68 9.91 12.41 0.99
N ALA D 69 9.54 13.33 0.09
CA ALA D 69 9.42 14.73 0.50
C ALA D 69 8.33 14.89 1.61
N SER D 70 7.24 14.17 1.46
CA SER D 70 6.17 14.26 2.44
C SER D 70 6.61 13.67 3.79
N ILE D 71 7.36 12.57 3.77
CA ILE D 71 7.83 11.92 4.98
C ILE D 71 8.80 12.84 5.74
N MET D 72 9.65 13.52 5.00
CA MET D 72 10.59 14.41 5.63
C MET D 72 9.86 15.60 6.24
N GLU D 73 8.84 16.09 5.56
CA GLU D 73 8.06 17.15 6.18
C GLU D 73 7.29 16.62 7.43
N ASN D 74 6.89 15.35 7.44
CA ASN D 74 6.26 14.79 8.63
C ASN D 74 7.24 14.75 9.78
N THR D 75 8.51 14.52 9.45
CA THR D 75 9.57 14.48 10.44
C THR D 75 9.78 15.85 11.07
N ASN D 76 9.85 16.85 10.22
CA ASN D 76 9.93 18.23 10.69
C ASN D 76 8.75 18.65 11.58
N LEU D 77 7.54 18.28 11.15
CA LEU D 77 6.35 18.59 11.92
C LEU D 77 6.41 17.93 13.26
N SER D 78 6.84 16.68 13.27
CA SER D 78 6.97 15.96 14.51
C SER D 78 7.92 16.73 15.48
N LYS D 79 9.02 17.26 14.95
CA LYS D 79 9.93 18.06 15.79
C LYS D 79 9.25 19.32 16.38
N GLN D 80 8.48 20.00 15.55
CA GLN D 80 7.76 21.16 16.06
C GLN D 80 6.76 20.75 17.16
N GLN D 81 6.08 19.61 16.97
CA GLN D 81 5.12 19.10 17.97
C GLN D 81 5.80 18.77 19.28
N GLN D 82 7.03 18.27 19.23
CA GLN D 82 7.77 18.04 20.46
C GLN D 82 7.99 19.33 21.21
N VAL D 83 8.42 20.37 20.50
CA VAL D 83 8.56 21.68 21.16
C VAL D 83 7.22 22.17 21.79
N SER D 84 6.12 22.05 21.02
CA SER D 84 4.78 22.38 21.54
C SER D 84 4.39 21.58 22.80
N GLU D 85 4.70 20.28 22.79
CA GLU D 85 4.46 19.45 23.96
C GLU D 85 5.23 20.01 25.18
N ILE D 86 6.49 20.45 24.97
CA ILE D 86 7.28 20.95 26.10
C ILE D 86 6.68 22.28 26.66
N MET D 87 6.30 23.20 25.77
CA MET D 87 5.70 24.44 26.22
C MET D 87 4.40 24.16 26.97
N ARG D 88 3.60 23.25 26.40
CA ARG D 88 2.30 22.96 26.98
C ARG D 88 2.46 22.26 28.30
N GLN D 89 3.52 21.49 28.47
CA GLN D 89 3.80 20.92 29.78
C GLN D 89 3.99 22.05 30.81
N MET D 90 4.76 23.10 30.43
CA MET D 90 4.96 24.22 31.38
C MET D 90 3.65 24.95 31.72
N LEU D 91 2.81 25.17 30.70
CA LEU D 91 1.49 25.79 30.93
C LEU D 91 0.65 24.96 31.89
N THR D 92 0.72 23.65 31.73
CA THR D 92 -0.06 22.74 32.54
C THR D 92 0.38 22.76 34.00
N GLN D 93 1.69 22.80 34.19
CA GLN D 93 2.26 22.90 35.53
C GLN D 93 1.78 24.22 36.23
N ALA D 94 1.82 25.31 35.48
CA ALA D 94 1.35 26.57 36.04
C ALA D 94 -0.16 26.46 36.37
N GLN D 95 -0.90 25.79 35.50
CA GLN D 95 -2.35 25.66 35.69
C GLN D 95 -2.70 24.79 36.86
N THR D 96 -1.88 23.78 37.14
CA THR D 96 -2.08 22.90 38.28
C THR D 96 -1.91 23.66 39.58
N ALA D 97 -0.85 24.46 39.65
CA ALA D 97 -0.63 25.28 40.86
C ALA D 97 -1.83 26.24 41.03
N GLY D 98 -2.25 26.82 39.91
CA GLY D 98 -3.40 27.71 39.92
C GLY D 98 -4.67 27.02 40.42
N GLN D 99 -4.88 25.76 40.06
CA GLN D 99 -6.06 25.05 40.52
C GLN D 99 -6.00 24.86 42.02
N TYR D 100 -4.82 24.55 42.55
CA TYR D 100 -4.73 24.45 44.01
C TYR D 100 -5.05 25.77 44.79
N PHE D 101 -4.54 26.87 44.27
CA PHE D 101 -4.83 28.15 44.89
C PHE D 101 -6.34 28.42 44.77
N THR D 102 -6.87 28.04 43.61
CA THR D 102 -8.28 28.19 43.37
C THR D 102 -9.11 27.31 44.34
N ASN D 103 -8.64 26.12 44.70
CA ASN D 103 -9.33 25.26 45.67
C ASN D 103 -9.52 25.95 47.02
N ASP D 104 -8.44 26.59 47.49
CA ASP D 104 -8.57 27.34 48.74
C ASP D 104 -9.55 28.50 48.61
N GLN D 105 -9.51 29.18 47.46
CA GLN D 105 -10.45 30.28 47.24
C GLN D 105 -11.90 29.78 47.30
N ILE D 106 -12.16 28.60 46.70
CA ILE D 106 -13.48 27.98 46.74
C ILE D 106 -13.98 27.78 48.17
N LYS D 107 -13.12 27.23 49.02
CA LYS D 107 -13.52 27.07 50.43
C LYS D 107 -13.85 28.42 51.14
N GLU D 108 -12.99 29.43 50.91
CA GLU D 108 -13.28 30.75 51.48
C GLU D 108 -14.63 31.33 50.98
N MET D 109 -14.88 31.20 49.69
CA MET D 109 -16.15 31.64 49.12
C MET D 109 -17.38 30.91 49.71
N THR D 110 -17.21 29.63 49.98
CA THR D 110 -18.24 28.86 50.67
C THR D 110 -18.56 29.45 52.02
N ARG D 111 -17.50 29.75 52.78
CA ARG D 111 -17.68 30.41 54.09
C ARG D 111 -18.43 31.72 53.93
N LYS D 112 -18.05 32.47 52.91
CA LYS D 112 -18.72 33.74 52.65
C LYS D 112 -20.22 33.62 52.37
N VAL D 113 -20.58 32.65 51.53
CA VAL D 113 -21.96 32.43 51.16
C VAL D 113 -22.72 32.06 52.41
N SER D 114 -22.13 31.18 53.20
CA SER D 114 -22.73 30.76 54.44
C SER D 114 -23.05 31.97 55.33
N ALA D 115 -22.08 32.88 55.43
CA ALA D 115 -22.28 34.09 56.22
C ALA D 115 -23.37 34.98 55.62
N GLU D 116 -23.43 35.03 54.30
CA GLU D 116 -24.45 35.81 53.63
C GLU D 116 -25.86 35.26 53.85
N VAL D 117 -25.96 33.93 53.96
CA VAL D 117 -27.21 33.26 54.30
C VAL D 117 -27.67 33.75 55.65
N ASP D 118 -26.75 33.74 56.61
CA ASP D 118 -27.12 34.25 57.94
C ASP D 118 -27.62 35.71 57.88
N LEU D 119 -26.94 36.53 57.08
CA LEU D 119 -27.36 37.93 56.91
C LEU D 119 -28.74 38.08 56.27
N VAL D 120 -29.03 37.30 55.23
CA VAL D 120 -30.34 37.32 54.59
C VAL D 120 -31.45 36.88 55.57
N HIS D 121 -31.20 35.83 56.35
CA HIS D 121 -32.16 35.39 57.37
C HIS D 121 -32.40 36.52 58.35
N GLN D 122 -31.33 37.22 58.69
CA GLN D 122 -31.44 38.29 59.65
C GLN D 122 -32.32 39.40 59.08
N GLN D 123 -32.12 39.72 57.80
CA GLN D 123 -32.85 40.82 57.17
C GLN D 123 -34.31 40.47 57.10
N THR D 124 -34.57 39.22 56.72
CA THR D 124 -35.92 38.72 56.67
C THR D 124 -36.60 38.84 58.03
N GLN D 125 -35.92 38.37 59.08
CA GLN D 125 -36.48 38.42 60.42
C GLN D 125 -36.73 39.83 60.90
N ASN D 126 -35.83 40.76 60.60
CA ASN D 126 -36.05 42.17 60.93
C ASN D 126 -37.26 42.74 60.19
N GLN D 127 -37.47 42.32 58.95
CA GLN D 127 -38.65 42.75 58.20
C GLN D 127 -39.95 42.23 58.84
N ARG D 128 -39.99 40.93 59.17
CA ARG D 128 -41.10 40.37 59.93
C ARG D 128 -41.34 41.07 61.28
N TYR D 129 -40.26 41.41 61.98
CA TYR D 129 -40.35 41.93 63.34
C TYR D 129 -40.90 43.35 63.35
N GLY D 130 -40.64 44.10 62.28
CA GLY D 130 -41.21 45.42 62.11
C GLY D 130 -42.52 45.37 61.32
N PHE E 6 44.61 -56.98 -47.39
CA PHE E 6 44.28 -56.59 -46.03
C PHE E 6 44.27 -55.06 -45.91
N GLU E 7 44.63 -54.39 -46.98
CA GLU E 7 44.65 -52.94 -46.94
C GLU E 7 43.32 -52.35 -47.40
N ASN E 8 42.69 -53.00 -48.38
CA ASN E 8 41.44 -52.50 -48.95
C ASN E 8 40.24 -52.65 -48.00
N GLN E 9 40.30 -53.69 -47.18
CA GLN E 9 39.23 -54.04 -46.27
C GLN E 9 39.35 -53.19 -45.02
N LYS E 10 40.60 -52.95 -44.64
CA LYS E 10 40.93 -52.07 -43.54
C LYS E 10 40.51 -50.66 -43.90
N GLU E 11 40.42 -50.43 -45.20
CA GLU E 11 40.07 -49.12 -45.72
C GLU E 11 38.55 -48.91 -45.81
N LEU E 12 37.84 -49.95 -46.25
CA LEU E 12 36.37 -49.99 -46.19
C LEU E 12 35.93 -49.75 -44.74
N THR E 13 36.65 -50.41 -43.84
CA THR E 13 36.45 -50.21 -42.42
C THR E 13 36.70 -48.74 -42.04
N LYS E 14 37.90 -48.25 -42.35
CA LYS E 14 38.32 -46.90 -41.95
C LYS E 14 37.40 -45.80 -42.45
N MET E 15 36.79 -46.02 -43.60
CA MET E 15 35.79 -45.07 -44.10
C MET E 15 34.51 -45.18 -43.30
N GLN E 16 34.07 -46.41 -42.98
CA GLN E 16 32.89 -46.55 -42.15
C GLN E 16 33.05 -45.79 -40.82
N LEU E 17 34.21 -45.95 -40.20
CA LEU E 17 34.44 -45.36 -38.90
C LEU E 17 34.67 -43.85 -38.95
N ASP E 18 35.31 -43.38 -40.01
CA ASP E 18 35.51 -41.94 -40.15
C ASP E 18 34.17 -41.24 -40.39
N ASN E 19 33.29 -41.88 -41.15
CA ASN E 19 31.92 -41.40 -41.26
C ASN E 19 31.28 -41.35 -39.89
N GLN E 20 31.16 -42.51 -39.24
CA GLN E 20 30.56 -42.57 -37.90
C GLN E 20 31.01 -41.42 -36.97
N LYS E 21 32.32 -41.24 -36.91
CA LYS E 21 32.91 -40.19 -36.09
C LYS E 21 32.52 -38.81 -36.59
N GLU E 22 32.39 -38.63 -37.90
CA GLU E 22 32.06 -37.29 -38.40
C GLU E 22 30.59 -36.89 -38.09
N ILE E 23 29.69 -37.86 -38.22
CA ILE E 23 28.32 -37.72 -37.76
C ILE E 23 28.29 -37.38 -36.28
N ALA E 24 29.06 -38.09 -35.47
CA ALA E 24 29.02 -37.83 -34.02
C ALA E 24 29.55 -36.45 -33.66
N GLU E 25 30.63 -36.02 -34.30
CA GLU E 25 31.15 -34.68 -34.05
C GLU E 25 30.14 -33.61 -34.37
N MET E 26 29.48 -33.73 -35.51
CA MET E 26 28.54 -32.68 -35.87
C MET E 26 27.23 -32.75 -35.07
N GLN E 27 26.91 -33.95 -34.58
CA GLN E 27 25.78 -34.11 -33.65
C GLN E 27 26.04 -33.38 -32.32
N ASN E 28 27.22 -33.66 -31.75
CA ASN E 28 27.65 -32.99 -30.53
C ASN E 28 27.71 -31.48 -30.72
N GLU E 29 28.23 -31.09 -31.87
CA GLU E 29 28.36 -29.68 -32.22
C GLU E 29 27.00 -29.02 -32.16
N THR E 30 26.03 -29.65 -32.79
CA THR E 30 24.66 -29.16 -32.76
C THR E 30 24.15 -29.05 -31.33
N GLN E 31 24.37 -30.08 -30.51
CA GLN E 31 23.93 -30.06 -29.09
C GLN E 31 24.48 -28.86 -28.31
N LYS E 32 25.78 -28.61 -28.46
CA LYS E 32 26.39 -27.43 -27.84
C LYS E 32 25.78 -26.12 -28.35
N GLU E 33 25.60 -25.99 -29.68
CA GLU E 33 24.93 -24.81 -30.26
C GLU E 33 23.56 -24.55 -29.61
N ILE E 34 22.76 -25.60 -29.53
CA ILE E 34 21.40 -25.48 -29.00
C ILE E 34 21.40 -25.07 -27.52
N ALA E 35 22.29 -25.66 -26.73
CA ALA E 35 22.46 -25.20 -25.34
C ALA E 35 22.92 -23.75 -25.27
N GLY E 36 23.68 -23.31 -26.28
CA GLY E 36 24.13 -21.93 -26.33
C GLY E 36 22.94 -21.00 -26.47
N ILE E 37 22.08 -21.34 -27.43
CA ILE E 37 20.83 -20.61 -27.62
C ILE E 37 19.97 -20.60 -26.35
N GLN E 38 19.87 -21.75 -25.68
CA GLN E 38 19.02 -21.87 -24.49
C GLN E 38 19.55 -21.04 -23.31
N SER E 39 20.86 -21.04 -23.15
CA SER E 39 21.51 -20.26 -22.10
C SER E 39 21.30 -18.79 -22.36
N ALA E 40 21.63 -18.34 -23.57
CA ALA E 40 21.46 -16.93 -23.93
C ALA E 40 20.02 -16.46 -23.73
N THR E 41 19.06 -17.32 -24.06
CA THR E 41 17.65 -16.98 -23.86
C THR E 41 17.29 -16.88 -22.38
N SER E 42 17.82 -17.80 -21.57
CA SER E 42 17.56 -17.81 -20.12
C SER E 42 18.11 -16.57 -19.42
N ARG E 43 19.38 -16.26 -19.73
CA ARG E 43 20.04 -15.06 -19.19
C ARG E 43 19.26 -13.81 -19.58
N GLN E 44 18.86 -13.73 -20.85
CA GLN E 44 18.18 -12.53 -21.31
C GLN E 44 16.80 -12.34 -20.66
N ASN E 45 16.04 -13.44 -20.56
CA ASN E 45 14.74 -13.38 -19.90
C ASN E 45 14.87 -12.93 -18.45
N THR E 46 15.88 -13.48 -17.77
CA THR E 46 16.10 -13.19 -16.36
C THR E 46 16.40 -11.71 -16.18
N LYS E 47 17.28 -11.19 -17.04
CA LYS E 47 17.61 -9.78 -17.02
C LYS E 47 16.34 -8.94 -17.13
N ASP E 48 15.63 -9.11 -18.25
CA ASP E 48 14.38 -8.39 -18.47
C ASP E 48 13.39 -8.51 -17.31
N GLN E 49 13.36 -9.66 -16.65
CA GLN E 49 12.51 -9.86 -15.49
C GLN E 49 12.93 -9.00 -14.29
N VAL E 50 14.22 -8.99 -13.96
CA VAL E 50 14.66 -8.32 -12.74
C VAL E 50 14.91 -6.82 -12.94
N TYR E 51 14.76 -6.38 -14.19
CA TYR E 51 14.96 -4.98 -14.53
C TYR E 51 14.21 -4.00 -13.63
N ALA E 52 12.93 -4.24 -13.42
CA ALA E 52 12.10 -3.30 -12.67
C ALA E 52 12.51 -3.27 -11.19
N GLN E 53 12.54 -4.43 -10.54
CA GLN E 53 12.94 -4.46 -9.13
C GLN E 53 14.30 -3.81 -8.89
N ASN E 54 15.24 -4.09 -9.79
CA ASN E 54 16.57 -3.46 -9.73
C ASN E 54 16.50 -1.94 -9.92
N GLU E 55 15.63 -1.47 -10.80
CA GLU E 55 15.50 -0.04 -11.06
C GLU E 55 14.81 0.69 -9.90
N MET E 56 13.98 -0.03 -9.14
CA MET E 56 13.26 0.56 -8.00
C MET E 56 14.10 0.54 -6.74
N LEU E 57 15.16 -0.28 -6.75
CA LEU E 57 16.01 -0.45 -5.56
C LEU E 57 16.36 0.84 -4.80
N ALA E 58 17.03 1.75 -5.49
CA ALA E 58 17.50 3.00 -4.87
C ALA E 58 16.37 3.88 -4.29
N TYR E 59 15.23 3.94 -4.98
CA TYR E 59 14.09 4.72 -4.53
C TYR E 59 13.58 4.12 -3.23
N GLN E 60 13.49 2.79 -3.22
CA GLN E 60 13.03 2.09 -2.05
C GLN E 60 14.00 2.30 -0.88
N GLN E 61 15.29 2.42 -1.18
CA GLN E 61 16.26 2.57 -0.10
C GLN E 61 16.20 3.95 0.55
N LYS E 62 16.16 5.00 -0.26
CA LYS E 62 16.12 6.33 0.34
C LYS E 62 14.75 6.59 0.98
N GLU E 63 13.69 6.00 0.43
CA GLU E 63 12.38 6.07 1.07
C GLU E 63 12.43 5.37 2.46
N SER E 64 13.09 4.22 2.54
CA SER E 64 13.25 3.52 3.82
C SER E 64 14.02 4.34 4.84
N THR E 65 15.06 5.01 4.37
CA THR E 65 15.89 5.83 5.24
C THR E 65 15.11 7.02 5.80
N ALA E 66 14.33 7.63 4.91
CA ALA E 66 13.46 8.72 5.31
C ALA E 66 12.49 8.20 6.37
N ARG E 67 11.94 7.02 6.14
CA ARG E 67 10.99 6.46 7.08
C ARG E 67 11.63 6.21 8.44
N VAL E 68 12.87 5.72 8.46
CA VAL E 68 13.61 5.53 9.71
C VAL E 68 13.72 6.82 10.51
N ALA E 69 14.10 7.89 9.82
CA ALA E 69 14.20 9.18 10.50
C ALA E 69 12.84 9.62 11.09
N SER E 70 11.78 9.40 10.33
CA SER E 70 10.44 9.79 10.78
C SER E 70 9.96 8.97 11.97
N ILE E 71 10.25 7.68 11.95
CA ILE E 71 9.84 6.76 13.00
C ILE E 71 10.54 7.15 14.30
N MET E 72 11.80 7.56 14.16
CA MET E 72 12.58 7.94 15.32
C MET E 72 12.02 9.22 15.93
N GLU E 73 11.58 10.13 15.07
CA GLU E 73 10.91 11.31 15.58
C GLU E 73 9.56 10.98 16.26
N ASN E 74 8.85 9.97 15.77
CA ASN E 74 7.62 9.56 16.45
C ASN E 74 7.92 9.01 17.82
N THR E 75 9.06 8.32 17.94
CA THR E 75 9.46 7.76 19.22
C THR E 75 9.71 8.92 20.19
N ASN E 76 10.45 9.92 19.72
CA ASN E 76 10.63 11.11 20.56
C ASN E 76 9.31 11.83 20.97
N LEU E 77 8.40 11.98 20.02
CA LEU E 77 7.13 12.63 20.32
C LEU E 77 6.39 11.82 21.38
N SER E 78 6.42 10.50 21.26
CA SER E 78 5.78 9.64 22.24
C SER E 78 6.33 9.85 23.64
N LYS E 79 7.65 9.97 23.74
CA LYS E 79 8.24 10.23 25.07
C LYS E 79 7.72 11.56 25.66
N GLN E 80 7.66 12.58 24.80
CA GLN E 80 7.11 13.85 25.29
C GLN E 80 5.64 13.71 25.73
N GLN E 81 4.86 12.94 24.97
CA GLN E 81 3.45 12.70 25.29
C GLN E 81 3.28 11.96 26.60
N GLN E 82 4.19 11.04 26.91
CA GLN E 82 4.14 10.36 28.20
C GLN E 82 4.30 11.37 29.30
N VAL E 83 5.29 12.26 29.12
CA VAL E 83 5.43 13.33 30.10
C VAL E 83 4.17 14.20 30.25
N SER E 84 3.59 14.61 29.11
CA SER E 84 2.33 15.39 29.14
C SER E 84 1.19 14.68 29.86
N GLU E 85 1.04 13.37 29.63
CA GLU E 85 0.03 12.61 30.35
C GLU E 85 0.32 12.75 31.85
N ILE E 86 1.59 12.72 32.24
CA ILE E 86 1.89 12.82 33.68
C ILE E 86 1.46 14.21 34.22
N MET E 87 1.77 15.27 33.46
CA MET E 87 1.38 16.61 33.89
C MET E 87 -0.17 16.68 34.01
N ARG E 88 -0.85 16.12 33.02
CA ARG E 88 -2.30 16.17 33.01
C ARG E 88 -2.95 15.32 34.09
N GLN E 89 -2.27 14.26 34.49
CA GLN E 89 -2.75 13.46 35.61
C GLN E 89 -2.79 14.31 36.85
N MET E 90 -1.72 15.06 37.08
CA MET E 90 -1.70 15.93 38.26
C MET E 90 -2.75 17.05 38.23
N LEU E 91 -2.88 17.68 37.06
CA LEU E 91 -3.88 18.72 36.91
C LEU E 91 -5.29 18.15 37.19
N THR E 92 -5.54 16.92 36.73
CA THR E 92 -6.84 16.27 36.90
C THR E 92 -7.13 15.99 38.37
N GLN E 93 -6.15 15.54 39.14
CA GLN E 93 -6.36 15.32 40.56
C GLN E 93 -6.75 16.64 41.23
N ALA E 94 -6.04 17.73 40.88
CA ALA E 94 -6.37 19.03 41.49
C ALA E 94 -7.79 19.46 41.12
N GLN E 95 -8.19 19.21 39.88
CA GLN E 95 -9.49 19.62 39.42
C GLN E 95 -10.62 18.82 40.11
N THR E 96 -10.35 17.55 40.39
CA THR E 96 -11.31 16.68 41.09
C THR E 96 -11.52 17.19 42.53
N ALA E 97 -10.41 17.54 43.22
CA ALA E 97 -10.61 18.07 44.58
C ALA E 97 -11.44 19.35 44.55
N GLY E 98 -11.11 20.19 43.55
CA GLY E 98 -11.82 21.43 43.34
C GLY E 98 -13.31 21.19 43.07
N GLN E 99 -13.64 20.14 42.31
CA GLN E 99 -15.04 19.87 42.02
C GLN E 99 -15.76 19.49 43.31
N TYR E 100 -15.11 18.73 44.18
CA TYR E 100 -15.75 18.44 45.46
C TYR E 100 -16.04 19.71 46.33
N PHE E 101 -15.06 20.63 46.39
CA PHE E 101 -15.26 21.90 47.12
C PHE E 101 -16.37 22.72 46.45
N THR E 102 -16.38 22.68 45.12
CA THR E 102 -17.39 23.36 44.35
C THR E 102 -18.79 22.78 44.67
N ASN E 103 -18.88 21.47 44.88
CA ASN E 103 -20.13 20.84 45.25
C ASN E 103 -20.72 21.40 46.54
N ASP E 104 -19.84 21.55 47.53
CA ASP E 104 -20.31 22.15 48.78
C ASP E 104 -20.78 23.60 48.58
N GLN E 105 -20.02 24.32 47.78
CA GLN E 105 -20.39 25.70 47.48
C GLN E 105 -21.75 25.78 46.79
N ILE E 106 -21.99 24.86 45.86
CA ILE E 106 -23.27 24.79 45.17
C ILE E 106 -24.42 24.64 46.19
N LYS E 107 -24.26 23.75 47.15
CA LYS E 107 -25.29 23.58 48.19
C LYS E 107 -25.54 24.84 49.07
N GLU E 108 -24.46 25.52 49.53
CA GLU E 108 -24.64 26.79 50.26
C GLU E 108 -25.32 27.82 49.41
N MET E 109 -24.90 27.91 48.17
CA MET E 109 -25.55 28.83 47.27
C MET E 109 -27.05 28.55 47.08
N THR E 110 -27.42 27.27 47.03
CA THR E 110 -28.83 26.90 47.00
C THR E 110 -29.58 27.39 48.24
N ARG E 111 -29.04 27.17 49.45
CA ARG E 111 -29.69 27.69 50.66
C ARG E 111 -29.86 29.19 50.61
N LYS E 112 -28.82 29.87 50.13
CA LYS E 112 -28.86 31.31 50.00
C LYS E 112 -29.95 31.75 49.05
N VAL E 113 -30.08 31.07 47.92
CA VAL E 113 -31.09 31.44 46.96
C VAL E 113 -32.46 31.26 47.62
N SER E 114 -32.67 30.13 48.33
CA SER E 114 -33.94 29.89 49.02
C SER E 114 -34.33 30.98 49.98
N ALA E 115 -33.32 31.39 50.76
CA ALA E 115 -33.54 32.45 51.74
C ALA E 115 -33.89 33.76 51.04
N GLU E 116 -33.26 34.01 49.90
CA GLU E 116 -33.56 35.21 49.12
C GLU E 116 -35.00 35.12 48.58
N VAL E 117 -35.48 33.92 48.30
CA VAL E 117 -36.86 33.76 47.91
C VAL E 117 -37.79 34.25 49.00
N ASP E 118 -37.56 33.80 50.25
CA ASP E 118 -38.42 34.33 51.34
C ASP E 118 -38.36 35.83 51.45
N LEU E 119 -37.16 36.39 51.33
CA LEU E 119 -37.06 37.84 51.43
C LEU E 119 -37.63 38.62 50.23
N VAL E 120 -37.69 38.01 49.05
CA VAL E 120 -38.36 38.66 47.92
C VAL E 120 -39.85 38.67 48.23
N HIS E 121 -40.36 37.51 48.63
CA HIS E 121 -41.76 37.37 49.02
C HIS E 121 -42.17 38.49 49.93
N GLN E 122 -41.54 38.56 51.08
CA GLN E 122 -41.91 39.58 52.03
C GLN E 122 -41.60 41.00 51.57
N GLN E 123 -40.69 41.16 50.63
CA GLN E 123 -40.56 42.48 50.01
C GLN E 123 -41.77 42.83 49.14
N THR E 124 -42.50 41.83 48.65
CA THR E 124 -43.54 42.09 47.67
C THR E 124 -44.87 42.63 48.26
N GLN E 125 -45.13 42.35 49.54
CA GLN E 125 -46.27 42.96 50.25
C GLN E 125 -46.12 44.48 50.22
N ASN E 126 -45.00 44.94 50.79
CA ASN E 126 -44.57 46.30 50.63
C ASN E 126 -44.33 46.64 49.16
#